data_4NWM
#
_entry.id   4NWM
#
_cell.length_a   44.918
_cell.length_b   86.505
_cell.length_c   135.126
_cell.angle_alpha   90.000
_cell.angle_beta   90.000
_cell.angle_gamma   90.000
#
_symmetry.space_group_name_H-M   'P 21 21 21'
#
loop_
_entity.id
_entity.type
_entity.pdbx_description
1 polymer 'Tyrosine-protein kinase BTK'
2 non-polymer 4-tert-butyl-N-[2-methyl-3-(6-{[4-(morpholin-4-ylcarbonyl)phenyl]amino}-7H-purin-2-yl)phenyl]benzamide
3 water water
#
_entity_poly.entity_id   1
_entity_poly.type   'polypeptide(L)'
_entity_poly.pdbx_seq_one_letter_code
;MEIDPKDLTFLKELGTGQFGVVKYGKWRGQYDVAIKMIKEGSMSEDEFIEEAKVMMNLSHEKLVQLYGVCTKQRPIFIIT
EYMANG(OCS)LLNYLREMRHRFQTQQLLEMCKDVCEAMEYLESKQFLHRDLAARNCLVNDQGVVKVSDFGLSRYVLDDE
YTSSVGSKFPVRWSPPEVLMYSKFSSKSDIWAFGVLMWEIYSLGKMPYERFTNSETAEHIAQGLRLYRPHLASEKVYTIM
YSCWHEKADERPTFKILLSNILDVMDE
;
_entity_poly.pdbx_strand_id   A,B
#
loop_
_chem_comp.id
_chem_comp.type
_chem_comp.name
_chem_comp.formula
2P5 non-polymer 4-tert-butyl-N-[2-methyl-3-(6-{[4-(morpholin-4-ylcarbonyl)phenyl]amino}-7H-purin-2-yl)phenyl]benzamide 'C34 H35 N7 O3'
#
# COMPACT_ATOMS: atom_id res chain seq x y z
N MET A 1 -18.82 18.22 15.10
CA MET A 1 -18.49 17.71 16.42
C MET A 1 -16.99 17.54 16.62
N GLU A 2 -16.49 18.22 17.65
CA GLU A 2 -15.10 18.20 18.05
C GLU A 2 -14.99 17.11 19.10
N ILE A 3 -14.32 15.98 18.75
CA ILE A 3 -14.09 14.87 19.68
C ILE A 3 -12.86 15.24 20.52
N ASP A 4 -12.95 15.04 21.83
CA ASP A 4 -11.84 15.25 22.75
C ASP A 4 -10.91 14.03 22.56
N PRO A 5 -9.61 14.24 22.22
CA PRO A 5 -8.70 13.09 22.02
C PRO A 5 -8.54 12.16 23.22
N LYS A 6 -8.92 12.60 24.43
CA LYS A 6 -8.90 11.74 25.63
C LYS A 6 -9.99 10.65 25.54
N ASP A 7 -11.00 10.85 24.66
CA ASP A 7 -12.11 9.91 24.42
C ASP A 7 -11.80 8.88 23.33
N LEU A 8 -10.55 8.81 22.89
CA LEU A 8 -10.14 7.84 21.87
C LEU A 8 -9.05 6.95 22.37
N THR A 9 -9.16 5.65 22.04
CA THR A 9 -8.17 4.63 22.33
C THR A 9 -7.73 4.05 20.97
N PHE A 10 -6.42 3.94 20.76
CA PHE A 10 -5.83 3.45 19.54
C PHE A 10 -5.46 1.99 19.69
N LEU A 11 -6.09 1.10 18.91
CA LEU A 11 -5.89 -0.34 19.10
C LEU A 11 -5.09 -1.08 18.02
N LYS A 12 -5.25 -0.76 16.73
CA LYS A 12 -4.56 -1.46 15.64
C LYS A 12 -4.33 -0.51 14.49
N GLU A 13 -3.28 -0.72 13.70
CA GLU A 13 -3.01 0.07 12.52
C GLU A 13 -3.81 -0.56 11.39
N LEU A 14 -4.59 0.24 10.64
CA LEU A 14 -5.43 -0.28 9.54
C LEU A 14 -4.75 -0.16 8.18
N GLY A 15 -3.71 0.65 8.10
CA GLY A 15 -2.94 0.86 6.88
C GLY A 15 -2.67 2.33 6.62
N THR A 16 -2.26 2.64 5.39
CA THR A 16 -1.87 3.97 4.94
C THR A 16 -2.63 4.33 3.68
N GLY A 17 -3.03 5.60 3.59
CA GLY A 17 -3.71 6.14 2.43
C GLY A 17 -3.10 7.47 2.05
N GLN A 18 -3.80 8.25 1.19
CA GLN A 18 -3.37 9.57 0.75
C GLN A 18 -3.04 10.56 1.88
N PHE A 19 -3.73 10.46 3.01
CA PHE A 19 -3.52 11.35 4.14
C PHE A 19 -2.66 10.75 5.26
N GLY A 20 -2.08 9.58 5.02
CA GLY A 20 -1.24 8.88 5.98
C GLY A 20 -1.88 7.69 6.65
N VAL A 21 -1.53 7.48 7.91
CA VAL A 21 -1.98 6.35 8.71
C VAL A 21 -3.44 6.44 9.14
N VAL A 22 -4.09 5.29 9.18
CA VAL A 22 -5.46 5.13 9.62
C VAL A 22 -5.40 4.05 10.72
N LYS A 23 -6.08 4.28 11.85
CA LYS A 23 -6.07 3.30 12.94
C LYS A 23 -7.45 2.87 13.31
N TYR A 24 -7.53 1.74 13.97
CA TYR A 24 -8.79 1.21 14.47
C TYR A 24 -8.75 1.51 15.96
N GLY A 25 -9.87 1.93 16.51
CA GLY A 25 -9.92 2.20 17.94
C GLY A 25 -11.31 2.24 18.50
N LYS A 26 -11.42 2.69 19.75
CA LYS A 26 -12.69 2.83 20.44
C LYS A 26 -12.90 4.29 20.80
N TRP A 27 -14.14 4.77 20.62
CA TRP A 27 -14.54 6.13 20.97
C TRP A 27 -15.48 6.02 22.17
N ARG A 28 -15.23 6.85 23.22
CA ARG A 28 -15.97 6.88 24.49
C ARG A 28 -15.99 5.49 25.21
N GLY A 29 -15.00 4.64 24.90
CA GLY A 29 -14.86 3.30 25.44
C GLY A 29 -15.69 2.20 24.80
N GLN A 30 -16.76 2.54 24.08
CA GLN A 30 -17.67 1.51 23.55
C GLN A 30 -17.76 1.41 22.02
N TYR A 31 -17.56 2.53 21.32
CA TYR A 31 -17.83 2.55 19.88
C TYR A 31 -16.63 2.30 19.02
N ASP A 32 -16.72 1.29 18.13
CA ASP A 32 -15.67 0.92 17.17
C ASP A 32 -15.54 2.04 16.16
N VAL A 33 -14.30 2.53 15.95
CA VAL A 33 -14.05 3.62 15.03
C VAL A 33 -12.80 3.41 14.21
N ALA A 34 -12.75 4.07 13.04
CA ALA A 34 -11.54 4.19 12.22
C ALA A 34 -11.14 5.63 12.44
N ILE A 35 -9.86 5.90 12.60
CA ILE A 35 -9.35 7.25 12.87
C ILE A 35 -8.25 7.55 11.86
N LYS A 36 -8.49 8.53 10.98
CA LYS A 36 -7.48 8.97 10.02
C LYS A 36 -6.62 9.99 10.72
N MET A 37 -5.29 9.80 10.65
CA MET A 37 -4.39 10.79 11.25
C MET A 37 -3.82 11.53 10.07
N ILE A 38 -4.24 12.78 9.87
CA ILE A 38 -3.85 13.57 8.69
C ILE A 38 -2.36 14.01 8.72
N LYS A 39 -1.52 13.39 7.88
CA LYS A 39 -0.11 13.73 7.87
C LYS A 39 0.12 15.14 7.40
N GLU A 40 1.10 15.79 8.03
CA GLU A 40 1.52 17.15 7.74
C GLU A 40 1.83 17.31 6.25
N GLY A 41 1.24 18.34 5.66
CA GLY A 41 1.41 18.71 4.27
C GLY A 41 0.53 17.98 3.27
N SER A 42 -0.26 16.97 3.70
CA SER A 42 -1.07 16.17 2.77
C SER A 42 -2.45 16.74 2.47
N MET A 43 -2.94 17.69 3.29
CA MET A 43 -4.30 18.21 3.15
C MET A 43 -4.38 19.71 3.26
N SER A 44 -5.35 20.32 2.54
CA SER A 44 -5.74 21.73 2.62
C SER A 44 -6.64 21.80 3.91
N GLU A 45 -5.99 21.80 5.08
CA GLU A 45 -6.61 21.66 6.41
C GLU A 45 -7.67 22.70 6.75
N ASP A 46 -7.36 24.01 6.62
CA ASP A 46 -8.31 25.11 6.92
C ASP A 46 -9.56 25.03 6.06
N GLU A 47 -9.41 24.65 4.77
CA GLU A 47 -10.56 24.50 3.88
C GLU A 47 -11.42 23.31 4.33
N PHE A 48 -10.78 22.17 4.69
CA PHE A 48 -11.49 20.99 5.20
C PHE A 48 -12.27 21.32 6.50
N ILE A 49 -11.60 22.00 7.46
CA ILE A 49 -12.18 22.36 8.76
C ILE A 49 -13.44 23.21 8.59
N GLU A 50 -13.36 24.26 7.76
CA GLU A 50 -14.42 25.20 7.44
C GLU A 50 -15.37 24.62 6.38
N GLU A 51 -15.86 23.37 6.60
CA GLU A 51 -16.78 22.57 5.75
C GLU A 51 -17.05 21.16 6.35
N ALA A 52 -16.34 20.79 7.44
CA ALA A 52 -16.50 19.47 8.09
C ALA A 52 -17.88 19.27 8.73
N LYS A 53 -18.57 20.37 9.08
CA LYS A 53 -19.94 20.34 9.65
C LYS A 53 -20.97 19.85 8.60
N VAL A 54 -20.78 20.24 7.33
CA VAL A 54 -21.61 19.84 6.17
C VAL A 54 -21.46 18.33 5.95
N MET A 55 -20.22 17.83 6.03
CA MET A 55 -19.90 16.42 5.87
C MET A 55 -20.50 15.55 6.98
N MET A 56 -20.59 16.10 8.19
CA MET A 56 -21.17 15.42 9.34
C MET A 56 -22.67 15.30 9.24
N ASN A 57 -23.31 16.28 8.57
CA ASN A 57 -24.75 16.32 8.30
C ASN A 57 -25.11 15.32 7.19
N LEU A 58 -24.08 14.76 6.52
CA LEU A 58 -24.30 13.73 5.51
C LEU A 58 -24.49 12.45 6.28
N SER A 59 -25.72 11.95 6.33
CA SER A 59 -26.01 10.75 7.10
C SER A 59 -26.96 9.84 6.35
N HIS A 60 -26.45 8.69 5.96
CA HIS A 60 -27.19 7.70 5.19
C HIS A 60 -26.63 6.34 5.57
N GLU A 61 -27.48 5.32 5.60
CA GLU A 61 -27.09 3.95 5.95
C GLU A 61 -25.96 3.41 5.08
N LYS A 62 -25.83 3.87 3.83
CA LYS A 62 -24.80 3.34 2.91
C LYS A 62 -23.62 4.30 2.72
N LEU A 63 -23.49 5.27 3.63
CA LEU A 63 -22.38 6.20 3.67
C LEU A 63 -21.62 5.89 4.93
N VAL A 64 -20.29 5.87 4.85
CA VAL A 64 -19.48 5.67 6.05
C VAL A 64 -19.70 6.93 6.91
N GLN A 65 -20.29 6.75 8.06
CA GLN A 65 -20.68 7.84 8.95
C GLN A 65 -19.48 8.54 9.57
N LEU A 66 -19.43 9.87 9.45
CA LEU A 66 -18.44 10.71 10.11
C LEU A 66 -18.98 11.04 11.51
N TYR A 67 -18.27 10.56 12.55
CA TYR A 67 -18.67 10.80 13.94
C TYR A 67 -18.16 12.14 14.49
N GLY A 68 -16.97 12.53 14.06
CA GLY A 68 -16.39 13.79 14.51
C GLY A 68 -14.98 13.98 14.02
N VAL A 69 -14.36 15.09 14.43
CA VAL A 69 -12.99 15.48 14.10
C VAL A 69 -12.24 16.00 15.37
N CYS A 70 -10.90 15.96 15.33
CA CYS A 70 -10.02 16.52 16.35
C CYS A 70 -9.18 17.54 15.58
N THR A 71 -9.54 18.83 15.66
CA THR A 71 -8.85 19.88 14.90
C THR A 71 -8.00 20.84 15.76
N LYS A 72 -8.03 20.69 17.11
CA LYS A 72 -7.24 21.53 18.03
C LYS A 72 -5.87 20.91 18.32
N GLN A 73 -5.29 20.26 17.29
CA GLN A 73 -4.03 19.53 17.37
C GLN A 73 -3.55 19.18 15.98
N ARG A 74 -2.30 18.72 15.89
CA ARG A 74 -1.69 18.26 14.66
C ARG A 74 -0.97 16.93 14.97
N PRO A 75 -1.32 15.81 14.30
CA PRO A 75 -2.23 15.70 13.15
C PRO A 75 -3.70 15.83 13.49
N ILE A 76 -4.47 16.33 12.52
CA ILE A 76 -5.93 16.39 12.60
C ILE A 76 -6.41 14.92 12.59
N PHE A 77 -7.45 14.62 13.36
CA PHE A 77 -8.05 13.29 13.33
C PHE A 77 -9.45 13.37 12.71
N ILE A 78 -9.79 12.38 11.88
CA ILE A 78 -11.12 12.24 11.31
C ILE A 78 -11.61 10.89 11.85
N ILE A 79 -12.68 10.90 12.65
CA ILE A 79 -13.24 9.73 13.33
C ILE A 79 -14.51 9.31 12.64
N THR A 80 -14.53 8.07 12.15
CA THR A 80 -15.69 7.56 11.44
C THR A 80 -16.10 6.19 11.95
N GLU A 81 -17.20 5.68 11.41
CA GLU A 81 -17.74 4.36 11.63
C GLU A 81 -16.66 3.37 11.12
N TYR A 82 -16.44 2.28 11.84
CA TYR A 82 -15.45 1.28 11.49
C TYR A 82 -16.07 0.24 10.52
N MET A 83 -15.32 -0.14 9.47
CA MET A 83 -15.79 -1.12 8.46
C MET A 83 -14.79 -2.26 8.48
N ALA A 84 -15.15 -3.36 9.16
CA ALA A 84 -14.26 -4.49 9.43
C ALA A 84 -13.68 -5.23 8.23
N ASN A 85 -14.33 -5.20 7.05
CA ASN A 85 -13.82 -5.94 5.91
C ASN A 85 -12.97 -5.09 4.94
N GLY A 86 -12.63 -3.86 5.33
CA GLY A 86 -11.78 -2.98 4.53
C GLY A 86 -12.40 -2.59 3.19
N OCS A 87 -11.56 -2.26 2.19
CA OCS A 87 -12.03 -1.79 0.87
CB OCS A 87 -11.02 -0.83 0.22
SG OCS A 87 -9.69 -1.77 -0.54
C OCS A 87 -12.71 -2.83 0.00
O OCS A 87 -12.35 -4.02 0.02
OD1 OCS A 87 -10.17 -2.53 -1.64
OD2 OCS A 87 -9.20 -2.67 0.51
OD3 OCS A 87 -8.66 -0.91 -0.77
N LEU A 88 -13.64 -2.36 -0.84
CA LEU A 88 -14.40 -3.22 -1.76
C LEU A 88 -13.55 -3.94 -2.79
N LEU A 89 -12.55 -3.27 -3.36
CA LEU A 89 -11.71 -3.88 -4.40
C LEU A 89 -11.07 -5.17 -3.90
N ASN A 90 -10.35 -5.13 -2.74
CA ASN A 90 -9.69 -6.30 -2.15
C ASN A 90 -10.71 -7.35 -1.75
N TYR A 91 -11.89 -6.91 -1.29
CA TYR A 91 -13.00 -7.76 -0.90
C TYR A 91 -13.56 -8.56 -2.09
N LEU A 92 -13.74 -7.90 -3.26
CA LEU A 92 -14.21 -8.55 -4.51
C LEU A 92 -13.25 -9.64 -4.97
N ARG A 93 -11.95 -9.37 -4.84
CA ARG A 93 -10.86 -10.27 -5.29
C ARG A 93 -10.73 -11.54 -4.42
N GLU A 94 -11.17 -11.49 -3.15
CA GLU A 94 -11.09 -12.63 -2.21
C GLU A 94 -12.06 -13.75 -2.55
N ARG A 96 -12.98 -16.97 -2.13
CA ARG A 96 -13.63 -17.54 -0.93
C ARG A 96 -15.10 -17.18 -0.82
N HIS A 97 -15.47 -15.94 -1.25
CA HIS A 97 -16.84 -15.45 -1.16
C HIS A 97 -17.80 -16.13 -2.12
N ARG A 98 -17.27 -16.69 -3.24
CA ARG A 98 -18.07 -17.35 -4.26
C ARG A 98 -19.36 -16.55 -4.52
N PHE A 99 -19.21 -15.25 -4.82
CA PHE A 99 -20.33 -14.34 -5.06
C PHE A 99 -21.34 -14.84 -6.12
N GLN A 100 -22.65 -14.64 -5.83
CA GLN A 100 -23.76 -14.95 -6.74
C GLN A 100 -24.08 -13.62 -7.39
N THR A 101 -24.71 -13.62 -8.57
CA THR A 101 -25.04 -12.40 -9.30
C THR A 101 -25.97 -11.49 -8.49
N GLN A 102 -26.85 -12.07 -7.67
CA GLN A 102 -27.77 -11.32 -6.79
C GLN A 102 -26.98 -10.48 -5.78
N GLN A 103 -25.85 -11.01 -5.27
CA GLN A 103 -24.97 -10.31 -4.33
C GLN A 103 -24.23 -9.18 -5.02
N LEU A 104 -23.81 -9.38 -6.27
CA LEU A 104 -23.15 -8.35 -7.08
C LEU A 104 -24.10 -7.18 -7.31
N LEU A 105 -25.38 -7.43 -7.60
CA LEU A 105 -26.35 -6.34 -7.80
C LEU A 105 -26.66 -5.60 -6.52
N GLU A 106 -26.72 -6.34 -5.40
CA GLU A 106 -26.97 -5.81 -4.06
C GLU A 106 -25.88 -4.78 -3.72
N MET A 107 -24.61 -5.07 -4.07
CA MET A 107 -23.44 -4.18 -3.87
C MET A 107 -23.61 -2.91 -4.68
N CYS A 108 -24.08 -3.04 -5.93
CA CYS A 108 -24.39 -1.91 -6.83
C CYS A 108 -25.46 -1.07 -6.26
N LYS A 109 -26.49 -1.72 -5.71
CA LYS A 109 -27.60 -1.03 -5.07
C LYS A 109 -27.15 -0.21 -3.84
N ASP A 110 -26.33 -0.80 -2.94
CA ASP A 110 -25.76 -0.14 -1.76
C ASP A 110 -25.05 1.14 -2.20
N VAL A 111 -24.17 1.04 -3.22
CA VAL A 111 -23.41 2.20 -3.69
C VAL A 111 -24.33 3.24 -4.29
N CYS A 112 -25.29 2.78 -5.13
CA CYS A 112 -26.24 3.66 -5.77
C CYS A 112 -27.11 4.44 -4.81
N GLU A 113 -27.52 3.81 -3.70
CA GLU A 113 -28.36 4.48 -2.68
C GLU A 113 -27.57 5.61 -2.03
N ALA A 114 -26.31 5.34 -1.66
CA ALA A 114 -25.42 6.34 -1.06
C ALA A 114 -25.22 7.51 -2.04
N MET A 115 -25.01 7.19 -3.34
CA MET A 115 -24.77 8.22 -4.36
C MET A 115 -26.01 9.03 -4.68
N GLU A 116 -27.20 8.38 -4.65
CA GLU A 116 -28.45 9.10 -4.88
C GLU A 116 -28.65 10.10 -3.70
N TYR A 117 -28.29 9.68 -2.48
CA TYR A 117 -28.40 10.57 -1.32
C TYR A 117 -27.43 11.74 -1.48
N LEU A 118 -26.18 11.50 -1.88
CA LEU A 118 -25.20 12.58 -2.09
C LEU A 118 -25.65 13.52 -3.22
N GLU A 119 -26.21 12.95 -4.31
CA GLU A 119 -26.74 13.74 -5.43
C GLU A 119 -27.90 14.64 -4.91
N SER A 120 -28.76 14.11 -4.01
CA SER A 120 -29.90 14.87 -3.48
C SER A 120 -29.45 16.08 -2.66
N LYS A 121 -28.23 16.00 -2.09
CA LYS A 121 -27.57 17.04 -1.31
C LYS A 121 -26.59 17.85 -2.14
N GLN A 122 -26.58 17.65 -3.49
CA GLN A 122 -25.68 18.29 -4.45
C GLN A 122 -24.21 18.21 -3.99
N PHE A 123 -23.82 17.06 -3.45
CA PHE A 123 -22.49 16.85 -2.93
C PHE A 123 -21.76 15.85 -3.83
N LEU A 124 -20.61 16.23 -4.37
CA LEU A 124 -19.83 15.36 -5.26
C LEU A 124 -18.88 14.48 -4.47
N HIS A 125 -18.75 13.20 -4.88
CA HIS A 125 -17.79 12.32 -4.26
C HIS A 125 -16.39 12.74 -4.77
N ARG A 126 -16.22 12.75 -6.13
CA ARG A 126 -15.01 13.11 -6.91
C ARG A 126 -13.95 12.00 -7.03
N ASP A 127 -14.08 10.90 -6.26
CA ASP A 127 -13.16 9.77 -6.41
C ASP A 127 -13.88 8.47 -6.14
N LEU A 128 -15.05 8.29 -6.79
CA LEU A 128 -15.81 7.06 -6.62
C LEU A 128 -15.15 5.90 -7.37
N ALA A 129 -14.89 4.80 -6.65
CA ALA A 129 -14.22 3.61 -7.18
C ALA A 129 -14.32 2.53 -6.13
N ALA A 130 -14.16 1.23 -6.49
CA ALA A 130 -14.25 0.15 -5.50
C ALA A 130 -13.22 0.30 -4.38
N ARG A 131 -12.01 0.83 -4.69
CA ARG A 131 -10.97 1.07 -3.70
C ARG A 131 -11.42 2.11 -2.63
N ASN A 132 -12.39 2.96 -2.97
CA ASN A 132 -12.92 3.98 -2.07
C ASN A 132 -14.30 3.63 -1.46
N CYS A 133 -14.73 2.36 -1.57
CA CYS A 133 -15.92 1.88 -0.89
C CYS A 133 -15.40 0.92 0.16
N LEU A 134 -16.10 0.81 1.29
CA LEU A 134 -15.70 -0.06 2.38
C LEU A 134 -16.77 -1.09 2.65
N VAL A 135 -16.42 -2.20 3.30
CA VAL A 135 -17.33 -3.32 3.55
C VAL A 135 -17.36 -3.62 5.04
N ASN A 136 -18.55 -3.73 5.66
CA ASN A 136 -18.62 -4.02 7.10
C ASN A 136 -18.64 -5.52 7.34
N ASP A 137 -18.72 -5.94 8.62
CA ASP A 137 -18.73 -7.34 9.04
C ASP A 137 -19.89 -8.15 8.44
N GLN A 138 -20.97 -7.47 7.98
CA GLN A 138 -22.16 -8.10 7.40
C GLN A 138 -22.11 -8.13 5.87
N GLY A 139 -21.03 -7.67 5.27
CA GLY A 139 -20.92 -7.65 3.81
C GLY A 139 -21.65 -6.48 3.17
N VAL A 140 -22.09 -5.50 3.97
CA VAL A 140 -22.74 -4.30 3.46
C VAL A 140 -21.65 -3.34 2.93
N VAL A 141 -21.83 -2.85 1.69
CA VAL A 141 -20.91 -1.91 1.06
C VAL A 141 -21.38 -0.48 1.38
N LYS A 142 -20.43 0.39 1.73
CA LYS A 142 -20.72 1.78 2.02
C LYS A 142 -19.69 2.66 1.35
N VAL A 143 -20.07 3.85 0.91
CA VAL A 143 -19.06 4.68 0.22
C VAL A 143 -18.35 5.54 1.26
N SER A 144 -17.02 5.66 1.10
CA SER A 144 -16.17 6.42 2.01
C SER A 144 -15.38 7.48 1.29
N ASP A 145 -14.88 8.45 2.08
CA ASP A 145 -13.98 9.53 1.66
C ASP A 145 -14.55 10.43 0.53
N PHE A 146 -15.88 10.56 0.53
CA PHE A 146 -16.66 11.42 -0.36
C PHE A 146 -16.31 12.85 -0.03
N GLY A 147 -16.00 13.64 -1.06
CA GLY A 147 -15.63 15.04 -0.92
C GLY A 147 -14.23 15.37 -0.43
N LEU A 148 -13.43 14.36 -0.02
CA LEU A 148 -12.09 14.62 0.50
C LEU A 148 -11.04 14.90 -0.59
N SER A 149 -11.29 14.40 -1.81
CA SER A 149 -10.48 14.62 -3.01
C SER A 149 -10.13 16.11 -3.18
N ARG A 150 -11.11 17.01 -2.89
CA ARG A 150 -11.00 18.48 -2.94
C ARG A 150 -9.86 19.03 -2.12
N TYR A 151 -9.52 18.34 -1.04
CA TYR A 151 -8.56 18.82 -0.06
C TYR A 151 -7.17 18.22 -0.17
N VAL A 152 -6.94 17.38 -1.17
CA VAL A 152 -5.64 16.76 -1.35
C VAL A 152 -4.62 17.78 -1.83
N LEU A 153 -3.46 17.83 -1.16
CA LEU A 153 -2.32 18.67 -1.53
C LEU A 153 -1.24 17.72 -2.09
N ASP A 154 -1.32 17.44 -3.38
CA ASP A 154 -0.41 16.52 -4.08
C ASP A 154 -0.72 16.68 -5.55
N ASP A 155 0.21 17.33 -6.29
CA ASP A 155 0.10 17.60 -7.73
C ASP A 155 -0.04 16.35 -8.59
N GLU A 156 0.52 15.21 -8.14
CA GLU A 156 0.39 13.96 -8.91
C GLU A 156 -1.04 13.39 -8.86
N TYR A 157 -1.81 13.81 -7.86
CA TYR A 157 -3.20 13.38 -7.69
C TYR A 157 -4.20 14.40 -8.26
N THR A 158 -3.97 15.70 -8.02
CA THR A 158 -4.95 16.73 -8.45
C THR A 158 -4.89 17.09 -9.95
N SER A 159 -3.76 16.87 -10.61
CA SER A 159 -3.65 17.15 -12.06
C SER A 159 -4.22 15.98 -12.84
N SER A 160 -5.09 16.24 -13.83
CA SER A 160 -5.71 15.22 -14.67
C SER A 160 -4.67 14.38 -15.44
N VAL A 161 -3.41 14.85 -15.52
CA VAL A 161 -2.31 14.13 -16.17
C VAL A 161 -1.30 13.62 -15.12
N GLY A 162 -1.61 13.78 -13.84
CA GLY A 162 -0.73 13.31 -12.77
C GLY A 162 -0.76 11.78 -12.68
N SER A 163 0.29 11.19 -12.09
CA SER A 163 0.42 9.73 -11.98
C SER A 163 -0.61 9.07 -11.06
N LYS A 164 -1.18 9.83 -10.12
CA LYS A 164 -2.15 9.30 -9.15
C LYS A 164 -3.58 9.70 -9.47
N PHE A 165 -3.80 10.50 -10.51
CA PHE A 165 -5.15 10.94 -10.86
C PHE A 165 -6.03 9.72 -11.23
N PRO A 166 -7.30 9.63 -10.79
CA PRO A 166 -8.11 8.44 -11.15
C PRO A 166 -8.62 8.47 -12.60
N VAL A 167 -7.69 8.37 -13.59
CA VAL A 167 -8.01 8.41 -15.03
C VAL A 167 -9.03 7.36 -15.46
N ARG A 168 -8.90 6.11 -14.99
CA ARG A 168 -9.79 5.01 -15.41
C ARG A 168 -11.24 5.13 -14.93
N TRP A 169 -11.53 6.10 -14.03
CA TRP A 169 -12.87 6.33 -13.48
C TRP A 169 -13.38 7.69 -13.91
N SER A 170 -12.68 8.35 -14.86
CA SER A 170 -13.03 9.73 -15.27
C SER A 170 -13.63 9.86 -16.65
N PRO A 171 -14.66 10.72 -16.78
CA PRO A 171 -15.27 10.96 -18.09
C PRO A 171 -14.40 11.88 -18.96
N PRO A 172 -14.61 11.92 -20.30
CA PRO A 172 -13.79 12.83 -21.14
C PRO A 172 -13.80 14.30 -20.71
N GLU A 173 -14.93 14.85 -20.22
CA GLU A 173 -14.97 16.27 -19.83
C GLU A 173 -14.12 16.57 -18.58
N VAL A 174 -13.85 15.53 -17.74
CA VAL A 174 -12.95 15.72 -16.60
C VAL A 174 -11.52 15.67 -17.12
N LEU A 175 -11.21 14.68 -17.96
CA LEU A 175 -9.85 14.53 -18.49
C LEU A 175 -9.41 15.69 -19.38
N MET A 176 -10.33 16.26 -20.17
CA MET A 176 -10.01 17.35 -21.10
C MET A 176 -10.15 18.72 -20.47
N TYR A 177 -11.22 18.95 -19.65
CA TYR A 177 -11.52 20.28 -19.12
C TYR A 177 -11.57 20.41 -17.61
N SER A 178 -11.27 19.31 -16.83
CA SER A 178 -11.38 19.34 -15.35
C SER A 178 -12.80 19.81 -14.91
N LYS A 179 -13.86 19.39 -15.64
CA LYS A 179 -15.25 19.75 -15.36
C LYS A 179 -15.95 18.64 -14.58
N PHE A 180 -15.92 18.76 -13.24
CA PHE A 180 -16.54 17.81 -12.31
C PHE A 180 -18.00 18.21 -12.13
N SER A 181 -18.88 17.21 -12.03
CA SER A 181 -20.31 17.41 -11.82
C SER A 181 -20.89 16.11 -11.28
N SER A 182 -22.20 16.09 -11.04
CA SER A 182 -22.88 14.88 -10.63
C SER A 182 -22.69 13.84 -11.76
N LYS A 183 -22.61 14.31 -13.02
CA LYS A 183 -22.41 13.43 -14.19
C LYS A 183 -21.04 12.79 -14.27
N SER A 184 -19.99 13.41 -13.65
CA SER A 184 -18.67 12.78 -13.60
C SER A 184 -18.67 11.65 -12.54
N ASP A 185 -19.50 11.81 -11.48
CA ASP A 185 -19.66 10.74 -10.47
C ASP A 185 -20.47 9.59 -11.07
N ILE A 186 -21.40 9.89 -11.97
CA ILE A 186 -22.20 8.88 -12.70
C ILE A 186 -21.26 7.98 -13.51
N TRP A 187 -20.33 8.59 -14.23
CA TRP A 187 -19.37 7.86 -15.06
C TRP A 187 -18.59 6.90 -14.15
N ALA A 188 -18.03 7.43 -13.04
CA ALA A 188 -17.24 6.65 -12.07
C ALA A 188 -18.05 5.49 -11.52
N PHE A 189 -19.36 5.71 -11.27
CA PHE A 189 -20.26 4.66 -10.82
C PHE A 189 -20.38 3.49 -11.82
N GLY A 190 -20.47 3.80 -13.11
CA GLY A 190 -20.53 2.77 -14.15
C GLY A 190 -19.26 1.93 -14.12
N VAL A 191 -18.09 2.59 -13.95
CA VAL A 191 -16.80 1.88 -13.85
C VAL A 191 -16.79 0.99 -12.61
N LEU A 192 -17.34 1.50 -11.49
CA LEU A 192 -17.44 0.74 -10.22
C LEU A 192 -18.34 -0.47 -10.43
N MET A 193 -19.48 -0.30 -11.13
CA MET A 193 -20.34 -1.44 -11.44
C MET A 193 -19.53 -2.50 -12.22
N TRP A 194 -18.68 -2.06 -13.16
CA TRP A 194 -17.85 -2.95 -13.95
C TRP A 194 -16.84 -3.67 -13.06
N GLU A 195 -16.23 -2.95 -12.08
CA GLU A 195 -15.31 -3.57 -11.12
C GLU A 195 -16.02 -4.67 -10.35
N ILE A 196 -17.25 -4.39 -9.90
CA ILE A 196 -18.03 -5.37 -9.15
C ILE A 196 -18.33 -6.62 -9.99
N TYR A 197 -18.87 -6.45 -11.20
CA TYR A 197 -19.28 -7.58 -12.05
C TYR A 197 -18.13 -8.35 -12.68
N SER A 198 -16.91 -7.78 -12.68
CA SER A 198 -15.72 -8.46 -13.19
C SER A 198 -14.93 -9.05 -12.02
N LEU A 199 -15.45 -8.92 -10.78
CA LEU A 199 -14.83 -9.41 -9.54
C LEU A 199 -13.47 -8.75 -9.24
N GLY A 200 -13.43 -7.43 -9.42
CA GLY A 200 -12.25 -6.61 -9.10
C GLY A 200 -11.16 -6.55 -10.14
N LYS A 201 -11.48 -6.76 -11.43
CA LYS A 201 -10.46 -6.62 -12.49
C LYS A 201 -10.08 -5.14 -12.58
N MET A 202 -8.88 -4.85 -13.07
CA MET A 202 -8.45 -3.46 -13.25
C MET A 202 -9.06 -2.98 -14.54
N PRO A 203 -9.75 -1.82 -14.58
CA PRO A 203 -10.34 -1.36 -15.84
C PRO A 203 -9.27 -1.02 -16.86
N TYR A 204 -9.50 -1.37 -18.14
CA TYR A 204 -8.58 -1.10 -19.26
C TYR A 204 -7.21 -1.74 -18.99
N GLU A 205 -7.24 -3.01 -18.52
CA GLU A 205 -6.06 -3.79 -18.14
C GLU A 205 -5.01 -3.80 -19.25
N ARG A 206 -3.73 -3.69 -18.87
CA ARG A 206 -2.58 -3.68 -19.79
C ARG A 206 -2.47 -2.38 -20.61
N PHE A 207 -3.35 -1.40 -20.33
CA PHE A 207 -3.22 -0.11 -21.02
C PHE A 207 -2.89 0.94 -19.98
N THR A 208 -2.07 1.94 -20.34
CA THR A 208 -1.65 2.92 -19.33
C THR A 208 -2.75 3.95 -19.12
N ASN A 209 -2.56 4.85 -18.14
CA ASN A 209 -3.50 5.94 -17.89
C ASN A 209 -3.57 6.84 -19.11
N SER A 210 -2.43 7.14 -19.71
CA SER A 210 -2.39 8.01 -20.89
C SER A 210 -3.09 7.38 -22.10
N GLU A 211 -2.90 6.08 -22.33
CA GLU A 211 -3.58 5.36 -23.43
C GLU A 211 -5.06 5.27 -23.11
N THR A 212 -5.41 5.07 -21.83
CA THR A 212 -6.84 5.01 -21.41
C THR A 212 -7.55 6.33 -21.73
N ALA A 213 -6.95 7.47 -21.36
CA ALA A 213 -7.51 8.81 -21.59
C ALA A 213 -7.82 8.99 -23.07
N GLU A 214 -6.87 8.64 -23.95
CA GLU A 214 -7.02 8.74 -25.41
C GLU A 214 -8.10 7.80 -25.92
N HIS A 215 -8.10 6.52 -25.48
CA HIS A 215 -9.11 5.55 -25.97
C HIS A 215 -10.55 5.90 -25.59
N ILE A 216 -10.75 6.33 -24.33
CA ILE A 216 -12.06 6.75 -23.78
C ILE A 216 -12.62 7.95 -24.57
N ALA A 217 -11.76 8.92 -24.89
CA ALA A 217 -12.14 10.12 -25.65
C ALA A 217 -12.61 9.75 -27.06
N GLN A 218 -12.00 8.70 -27.67
CA GLN A 218 -12.37 8.19 -28.99
C GLN A 218 -13.68 7.38 -28.96
N GLY A 219 -14.00 6.77 -27.81
CA GLY A 219 -15.22 6.00 -27.71
C GLY A 219 -15.05 4.56 -27.25
N LEU A 220 -13.83 4.15 -26.86
CA LEU A 220 -13.63 2.79 -26.33
C LEU A 220 -14.41 2.66 -25.01
N ARG A 221 -15.04 1.50 -24.78
CA ARG A 221 -15.77 1.30 -23.53
C ARG A 221 -15.43 -0.07 -22.99
N LEU A 222 -15.54 -0.24 -21.67
CA LEU A 222 -15.32 -1.50 -20.95
C LEU A 222 -16.26 -2.60 -21.42
N TYR A 223 -15.72 -3.80 -21.70
CA TYR A 223 -16.53 -4.91 -22.20
C TYR A 223 -17.53 -5.38 -21.18
N ARG A 224 -18.58 -6.04 -21.64
CA ARG A 224 -19.59 -6.58 -20.74
C ARG A 224 -19.00 -7.76 -19.96
N PRO A 225 -18.93 -7.66 -18.61
CA PRO A 225 -18.39 -8.77 -17.83
C PRO A 225 -19.25 -10.01 -17.94
N HIS A 226 -18.61 -11.18 -17.85
CA HIS A 226 -19.24 -12.47 -17.90
C HIS A 226 -20.42 -12.56 -16.95
N LEU A 227 -20.28 -12.03 -15.71
CA LEU A 227 -21.34 -12.07 -14.70
C LEU A 227 -22.43 -11.01 -14.86
N ALA A 228 -22.31 -10.07 -15.83
CA ALA A 228 -23.35 -9.07 -16.06
C ALA A 228 -24.40 -9.53 -17.09
N SER A 229 -25.69 -9.48 -16.72
CA SER A 229 -26.73 -9.80 -17.67
C SER A 229 -26.79 -8.62 -18.66
N GLU A 230 -27.54 -8.78 -19.75
CA GLU A 230 -27.73 -7.71 -20.73
C GLU A 230 -28.35 -6.47 -20.09
N LYS A 231 -29.33 -6.65 -19.18
CA LYS A 231 -29.99 -5.55 -18.45
C LYS A 231 -28.99 -4.79 -17.55
N VAL A 232 -28.14 -5.53 -16.83
CA VAL A 232 -27.12 -4.94 -15.96
C VAL A 232 -26.09 -4.15 -16.79
N TYR A 233 -25.64 -4.74 -17.92
CA TYR A 233 -24.69 -4.03 -18.78
C TYR A 233 -25.29 -2.75 -19.34
N THR A 234 -26.59 -2.76 -19.73
CA THR A 234 -27.26 -1.56 -20.23
C THR A 234 -27.17 -0.44 -19.17
N ILE A 235 -27.38 -0.78 -17.89
CA ILE A 235 -27.29 0.20 -16.79
C ILE A 235 -25.84 0.78 -16.71
N MET A 236 -24.79 -0.08 -16.60
CA MET A 236 -23.43 0.49 -16.45
C MET A 236 -22.99 1.24 -17.72
N TYR A 237 -23.43 0.77 -18.90
CA TYR A 237 -23.11 1.39 -20.18
C TYR A 237 -23.72 2.77 -20.31
N SER A 238 -24.95 2.97 -19.78
CA SER A 238 -25.66 4.26 -19.82
C SER A 238 -24.84 5.36 -19.08
N CYS A 239 -24.00 4.95 -18.11
CA CYS A 239 -23.13 5.87 -17.36
C CYS A 239 -22.00 6.43 -18.22
N TRP A 240 -21.68 5.78 -19.35
CA TRP A 240 -20.53 6.19 -20.14
C TRP A 240 -20.83 6.96 -21.41
N HIS A 241 -21.98 7.66 -21.47
CA HIS A 241 -22.30 8.45 -22.65
C HIS A 241 -21.24 9.56 -22.82
N GLU A 242 -20.77 9.76 -24.05
CA GLU A 242 -19.79 10.82 -24.38
C GLU A 242 -20.27 12.18 -23.84
N LYS A 243 -21.58 12.45 -23.96
CA LYS A 243 -22.23 13.69 -23.50
C LYS A 243 -22.72 13.55 -22.07
N ALA A 244 -22.22 14.38 -21.15
CA ALA A 244 -22.60 14.35 -19.72
C ALA A 244 -24.13 14.51 -19.54
N ASP A 245 -24.77 15.41 -20.31
CA ASP A 245 -26.23 15.65 -20.24
C ASP A 245 -27.10 14.45 -20.66
N GLU A 246 -26.50 13.48 -21.38
CA GLU A 246 -27.18 12.28 -21.85
C GLU A 246 -27.02 11.11 -20.89
N ARG A 247 -26.22 11.31 -19.83
CA ARG A 247 -25.99 10.29 -18.80
C ARG A 247 -27.18 10.33 -17.82
N PRO A 248 -27.60 9.22 -17.21
CA PRO A 248 -28.74 9.29 -16.28
C PRO A 248 -28.32 9.96 -14.96
N THR A 249 -29.28 10.20 -14.06
CA THR A 249 -28.98 10.73 -12.72
C THR A 249 -28.93 9.48 -11.82
N PHE A 250 -28.51 9.63 -10.56
CA PHE A 250 -28.48 8.51 -9.60
C PHE A 250 -29.89 8.07 -9.22
N LYS A 251 -30.87 8.99 -9.30
CA LYS A 251 -32.30 8.69 -9.06
C LYS A 251 -32.75 7.63 -10.08
N ILE A 252 -32.44 7.84 -11.36
CA ILE A 252 -32.78 6.96 -12.48
C ILE A 252 -32.04 5.64 -12.37
N LEU A 253 -30.72 5.68 -12.12
CA LEU A 253 -29.91 4.47 -11.96
C LEU A 253 -30.41 3.59 -10.85
N LEU A 254 -30.70 4.21 -9.66
CA LEU A 254 -31.21 3.49 -8.48
C LEU A 254 -32.53 2.80 -8.83
N SER A 255 -33.43 3.52 -9.53
CA SER A 255 -34.72 2.98 -9.97
C SER A 255 -34.55 1.82 -10.96
N ASN A 256 -33.61 1.94 -11.92
CA ASN A 256 -33.26 0.90 -12.87
C ASN A 256 -32.66 -0.33 -12.19
N ILE A 257 -31.82 -0.13 -11.16
CA ILE A 257 -31.22 -1.23 -10.40
C ILE A 257 -32.32 -1.98 -9.63
N LEU A 258 -33.25 -1.24 -9.01
CA LEU A 258 -34.37 -1.85 -8.27
C LEU A 258 -35.25 -2.63 -9.23
N ASP A 259 -35.46 -2.11 -10.47
CA ASP A 259 -36.25 -2.82 -11.48
C ASP A 259 -35.63 -4.15 -11.90
N VAL A 260 -34.29 -4.18 -12.10
CA VAL A 260 -33.56 -5.38 -12.50
C VAL A 260 -33.65 -6.42 -11.38
N MET A 261 -33.48 -5.97 -10.13
CA MET A 261 -33.54 -6.77 -8.90
C MET A 261 -34.88 -7.50 -8.78
N ASP A 262 -36.00 -6.79 -9.02
CA ASP A 262 -37.36 -7.34 -9.01
C ASP A 262 -37.61 -8.31 -10.18
N GLU A 263 -36.85 -8.20 -11.29
CA GLU A 263 -37.00 -9.07 -12.46
C GLU A 263 -36.09 -10.31 -12.45
N MET B 1 10.90 -25.37 -6.94
CA MET B 1 10.27 -26.47 -6.23
C MET B 1 8.81 -26.20 -5.89
N GLU B 2 7.94 -27.10 -6.33
CA GLU B 2 6.50 -27.06 -6.11
C GLU B 2 6.24 -27.88 -4.86
N ILE B 3 5.85 -27.21 -3.79
CA ILE B 3 5.58 -27.84 -2.52
C ILE B 3 4.15 -28.38 -2.51
N ASP B 4 3.97 -29.64 -2.03
CA ASP B 4 2.65 -30.23 -1.92
C ASP B 4 2.00 -29.66 -0.64
N PRO B 5 0.84 -28.95 -0.73
CA PRO B 5 0.21 -28.40 0.49
C PRO B 5 -0.16 -29.43 1.56
N LYS B 6 -0.21 -30.74 1.22
CA LYS B 6 -0.45 -31.81 2.20
C LYS B 6 0.75 -31.98 3.14
N ASP B 7 1.93 -31.49 2.73
CA ASP B 7 3.17 -31.55 3.51
C ASP B 7 3.33 -30.31 4.40
N LEU B 8 2.34 -29.42 4.38
CA LEU B 8 2.33 -28.20 5.18
C LEU B 8 1.32 -28.28 6.31
N THR B 9 1.71 -27.79 7.52
CA THR B 9 0.85 -27.67 8.69
C THR B 9 0.91 -26.18 9.06
N PHE B 10 -0.25 -25.55 9.22
CA PHE B 10 -0.35 -24.12 9.55
C PHE B 10 -0.55 -23.96 11.04
N LEU B 11 0.38 -23.30 11.76
CA LEU B 11 0.33 -23.27 13.21
C LEU B 11 -0.01 -21.93 13.88
N LYS B 12 0.51 -20.81 13.39
CA LYS B 12 0.29 -19.50 14.03
C LYS B 12 0.30 -18.42 12.98
N GLU B 13 -0.46 -17.34 13.20
CA GLU B 13 -0.45 -16.18 12.32
C GLU B 13 0.71 -15.32 12.78
N LEU B 14 1.56 -14.88 11.85
CA LEU B 14 2.73 -14.07 12.21
C LEU B 14 2.44 -12.61 12.06
N GLY B 15 1.50 -12.30 11.18
CA GLY B 15 1.12 -10.93 10.90
C GLY B 15 0.73 -10.75 9.44
N THR B 16 0.68 -9.47 9.02
CA THR B 16 0.27 -9.07 7.69
C THR B 16 1.33 -8.18 7.06
N GLY B 17 1.56 -8.38 5.77
CA GLY B 17 2.49 -7.56 5.00
C GLY B 17 1.84 -7.11 3.71
N GLN B 18 2.64 -6.61 2.77
CA GLN B 18 2.19 -6.14 1.45
C GLN B 18 1.42 -7.20 0.62
N PHE B 19 1.72 -8.49 0.86
CA PHE B 19 1.05 -9.60 0.14
C PHE B 19 -0.03 -10.30 0.98
N GLY B 20 -0.33 -9.76 2.16
CA GLY B 20 -1.34 -10.31 3.06
C GLY B 20 -0.78 -11.05 4.25
N VAL B 21 -1.51 -12.09 4.70
CA VAL B 21 -1.19 -12.89 5.88
C VAL B 21 0.05 -13.76 5.66
N VAL B 22 0.86 -13.90 6.71
CA VAL B 22 2.04 -14.75 6.78
C VAL B 22 1.82 -15.64 7.98
N LYS B 23 2.04 -16.94 7.82
CA LYS B 23 1.81 -17.92 8.89
C LYS B 23 3.08 -18.65 9.23
N TYR B 24 3.19 -19.11 10.44
CA TYR B 24 4.27 -19.97 10.84
C TYR B 24 3.72 -21.41 10.72
N GLY B 25 4.54 -22.33 10.25
CA GLY B 25 4.12 -23.72 10.14
C GLY B 25 5.26 -24.70 10.07
N LYS B 26 4.94 -25.95 9.80
CA LYS B 26 5.95 -27.01 9.65
C LYS B 26 5.81 -27.62 8.27
N TRP B 27 6.95 -27.88 7.62
CA TRP B 27 6.99 -28.49 6.30
C TRP B 27 7.62 -29.86 6.49
N ARG B 28 6.89 -30.90 6.05
CA ARG B 28 7.30 -32.30 6.17
C ARG B 28 7.57 -32.66 7.63
N GLY B 29 6.67 -32.15 8.46
CA GLY B 29 6.63 -32.36 9.91
C GLY B 29 7.79 -31.85 10.73
N GLN B 30 8.93 -31.60 10.11
CA GLN B 30 10.12 -31.22 10.87
C GLN B 30 10.67 -29.83 10.63
N TYR B 31 10.57 -29.30 9.40
CA TYR B 31 11.15 -27.99 9.06
C TYR B 31 10.22 -26.81 9.43
N ASP B 32 10.70 -25.91 10.31
CA ASP B 32 9.96 -24.72 10.69
C ASP B 32 9.98 -23.83 9.46
N VAL B 33 8.82 -23.30 9.07
CA VAL B 33 8.68 -22.45 7.89
C VAL B 33 7.78 -21.26 8.15
N ALA B 34 8.00 -20.19 7.38
CA ALA B 34 7.10 -19.05 7.29
C ALA B 34 6.40 -19.26 5.95
N ILE B 35 5.08 -19.05 5.92
CA ILE B 35 4.26 -19.28 4.71
C ILE B 35 3.53 -17.99 4.37
N LYS B 36 3.89 -17.36 3.25
CA LYS B 36 3.18 -16.17 2.81
C LYS B 36 1.98 -16.68 2.04
N MET B 37 0.80 -16.21 2.39
CA MET B 37 -0.40 -16.53 1.61
C MET B 37 -0.66 -15.29 0.77
N ILE B 38 -0.40 -15.36 -0.54
CA ILE B 38 -0.48 -14.17 -1.40
C ILE B 38 -1.93 -13.75 -1.66
N LYS B 39 -2.37 -12.61 -1.09
CA LYS B 39 -3.76 -12.14 -1.33
C LYS B 39 -3.94 -11.81 -2.78
N GLU B 40 -5.09 -12.22 -3.32
CA GLU B 40 -5.46 -12.04 -4.72
C GLU B 40 -5.38 -10.58 -5.11
N GLY B 41 -4.66 -10.32 -6.19
CA GLY B 41 -4.46 -8.98 -6.75
C GLY B 41 -3.28 -8.19 -6.20
N SER B 42 -2.63 -8.66 -5.14
CA SER B 42 -1.49 -7.96 -4.54
C SER B 42 -0.15 -8.16 -5.22
N MET B 43 -0.03 -9.22 -6.05
CA MET B 43 1.21 -9.61 -6.71
C MET B 43 1.05 -10.00 -8.19
N SER B 44 2.05 -9.68 -9.03
CA SER B 44 2.11 -10.09 -10.45
C SER B 44 2.63 -11.55 -10.37
N GLU B 45 1.70 -12.48 -10.09
CA GLU B 45 1.95 -13.90 -9.85
C GLU B 45 2.70 -14.63 -10.97
N ASP B 46 2.24 -14.54 -12.24
CA ASP B 46 2.88 -15.22 -13.37
C ASP B 46 4.32 -14.77 -13.57
N GLU B 47 4.60 -13.47 -13.37
CA GLU B 47 5.96 -12.94 -13.47
C GLU B 47 6.82 -13.50 -12.35
N PHE B 48 6.29 -13.52 -11.10
CA PHE B 48 7.00 -14.09 -9.96
C PHE B 48 7.34 -15.59 -10.19
N ILE B 49 6.34 -16.39 -10.63
CA ILE B 49 6.47 -17.84 -10.88
C ILE B 49 7.60 -18.10 -11.90
N GLU B 50 7.67 -17.30 -13.01
CA GLU B 50 8.71 -17.35 -14.05
C GLU B 50 10.10 -17.23 -13.45
N GLU B 51 10.25 -16.36 -12.41
CA GLU B 51 11.48 -16.23 -11.62
C GLU B 51 11.41 -17.43 -10.66
N ALA B 52 11.22 -17.20 -9.34
CA ALA B 52 11.11 -18.20 -8.25
C ALA B 52 12.30 -19.17 -8.19
N LYS B 53 12.64 -19.85 -9.31
CA LYS B 53 13.76 -20.78 -9.50
C LYS B 53 15.07 -20.00 -9.34
N VAL B 54 15.20 -18.82 -10.03
CA VAL B 54 16.38 -17.93 -9.89
C VAL B 54 16.52 -17.55 -8.41
N MET B 55 15.41 -17.16 -7.79
CA MET B 55 15.34 -16.80 -6.37
C MET B 55 15.64 -18.00 -5.44
N MET B 56 15.26 -19.20 -5.86
CA MET B 56 15.52 -20.43 -5.11
C MET B 56 16.98 -20.82 -5.15
N ASN B 57 17.67 -20.49 -6.28
CA ASN B 57 19.10 -20.72 -6.51
C ASN B 57 19.95 -19.67 -5.77
N LEU B 58 19.33 -18.63 -5.20
CA LEU B 58 20.05 -17.62 -4.42
C LEU B 58 20.21 -18.24 -3.04
N SER B 59 21.39 -18.79 -2.78
CA SER B 59 21.61 -19.48 -1.54
C SER B 59 22.82 -18.96 -0.86
N HIS B 60 22.58 -18.33 0.27
CA HIS B 60 23.61 -17.77 1.11
C HIS B 60 23.11 -17.88 2.54
N GLU B 61 24.02 -18.12 3.47
CA GLU B 61 23.72 -18.28 4.89
C GLU B 61 23.00 -17.07 5.48
N LYS B 62 23.22 -15.85 4.94
CA LYS B 62 22.62 -14.63 5.48
C LYS B 62 21.44 -14.13 4.65
N LEU B 63 20.91 -14.99 3.79
CA LEU B 63 19.72 -14.73 3.01
C LEU B 63 18.65 -15.66 3.53
N VAL B 64 17.41 -15.15 3.72
CA VAL B 64 16.30 -16.01 4.12
C VAL B 64 16.03 -16.97 2.94
N GLN B 65 16.19 -18.29 3.17
CA GLN B 65 16.07 -19.28 2.11
C GLN B 65 14.63 -19.50 1.65
N LEU B 66 14.43 -19.47 0.35
CA LEU B 66 13.15 -19.80 -0.25
C LEU B 66 13.16 -21.35 -0.45
N TYR B 67 12.24 -22.07 0.20
CA TYR B 67 12.17 -23.52 0.11
C TYR B 67 11.33 -23.98 -1.07
N GLY B 68 10.29 -23.24 -1.37
CA GLY B 68 9.42 -23.59 -2.48
C GLY B 68 8.19 -22.73 -2.55
N VAL B 69 7.28 -23.10 -3.47
CA VAL B 69 6.02 -22.40 -3.76
C VAL B 69 4.87 -23.40 -3.99
N CYS B 70 3.63 -22.97 -3.77
CA CYS B 70 2.42 -23.73 -4.03
C CYS B 70 1.67 -22.89 -5.05
N THR B 71 1.78 -23.24 -6.35
CA THR B 71 1.16 -22.44 -7.42
C THR B 71 -0.05 -23.15 -8.10
N LYS B 72 -0.38 -24.38 -7.69
CA LYS B 72 -1.52 -25.15 -8.25
C LYS B 72 -2.81 -24.87 -7.50
N GLN B 73 -2.95 -23.66 -6.94
CA GLN B 73 -4.11 -23.18 -6.19
C GLN B 73 -4.04 -21.68 -6.02
N ARG B 74 -5.15 -21.06 -5.64
CA ARG B 74 -5.21 -19.62 -5.36
C ARG B 74 -5.95 -19.42 -4.03
N PRO B 75 -5.37 -18.68 -3.04
CA PRO B 75 -4.09 -17.95 -3.07
C PRO B 75 -2.84 -18.82 -3.15
N ILE B 76 -1.82 -18.37 -3.89
CA ILE B 76 -0.54 -19.09 -3.98
C ILE B 76 0.27 -18.93 -2.66
N PHE B 77 1.18 -19.87 -2.35
CA PHE B 77 1.99 -19.87 -1.12
C PHE B 77 3.46 -19.74 -1.44
N ILE B 78 4.19 -18.98 -0.61
CA ILE B 78 5.64 -18.85 -0.71
C ILE B 78 6.15 -19.39 0.65
N ILE B 79 6.93 -20.48 0.60
CA ILE B 79 7.44 -21.17 1.77
C ILE B 79 8.90 -20.86 1.92
N THR B 80 9.27 -20.30 3.09
CA THR B 80 10.66 -19.93 3.35
C THR B 80 11.11 -20.44 4.71
N GLU B 81 12.40 -20.25 5.00
CA GLU B 81 13.04 -20.53 6.28
C GLU B 81 12.36 -19.61 7.32
N TYR B 82 12.08 -20.13 8.50
CA TYR B 82 11.43 -19.41 9.59
C TYR B 82 12.48 -18.66 10.43
N MET B 83 12.18 -17.41 10.80
CA MET B 83 13.07 -16.53 11.59
C MET B 83 12.29 -16.13 12.83
N ALA B 84 12.57 -16.82 13.95
CA ALA B 84 11.83 -16.72 15.21
C ALA B 84 11.74 -15.35 15.86
N ASN B 85 12.71 -14.47 15.62
CA ASN B 85 12.70 -13.17 16.30
C ASN B 85 12.08 -12.03 15.45
N GLY B 86 11.46 -12.37 14.32
CA GLY B 86 10.79 -11.40 13.44
C GLY B 86 11.75 -10.39 12.84
N OCS B 87 11.22 -9.21 12.48
CA OCS B 87 11.99 -8.15 11.82
CB OCS B 87 11.09 -7.30 10.91
SG OCS B 87 10.21 -6.12 11.93
C OCS B 87 13.04 -7.45 12.70
O OCS B 87 12.85 -7.29 13.91
OD1 OCS B 87 9.42 -6.77 12.91
OD2 OCS B 87 9.19 -5.52 11.07
OD3 OCS B 87 11.09 -5.00 12.26
N LEU B 88 14.10 -6.95 12.07
CA LEU B 88 15.21 -6.28 12.77
C LEU B 88 14.82 -4.96 13.40
N LEU B 89 13.91 -4.18 12.77
CA LEU B 89 13.50 -2.89 13.33
C LEU B 89 12.90 -3.06 14.72
N ASN B 90 11.88 -3.95 14.86
CA ASN B 90 11.25 -4.23 16.17
C ASN B 90 12.23 -4.84 17.15
N TYR B 91 13.17 -5.66 16.65
CA TYR B 91 14.20 -6.32 17.44
C TYR B 91 15.16 -5.30 18.07
N LEU B 92 15.56 -4.29 17.29
CA LEU B 92 16.45 -3.22 17.76
C LEU B 92 15.79 -2.35 18.82
N ARG B 93 14.49 -2.13 18.69
CA ARG B 93 13.70 -1.29 19.60
C ARG B 93 13.42 -1.95 20.96
N GLU B 94 13.47 -3.30 21.02
CA GLU B 94 13.22 -4.07 22.25
C GLU B 94 14.31 -3.87 23.32
N ARG B 96 15.57 -4.30 26.31
CA ARG B 96 15.78 -5.55 27.05
C ARG B 96 16.98 -6.34 26.55
N HIS B 97 17.28 -6.24 25.23
CA HIS B 97 18.43 -6.96 24.64
C HIS B 97 19.77 -6.41 25.09
N ARG B 98 19.83 -5.10 25.43
CA ARG B 98 21.04 -4.39 25.89
C ARG B 98 22.23 -4.68 24.97
N PHE B 99 22.09 -4.31 23.69
CA PHE B 99 23.09 -4.54 22.65
C PHE B 99 24.42 -3.89 22.94
N GLN B 100 25.51 -4.63 22.67
CA GLN B 100 26.87 -4.12 22.77
C GLN B 100 27.18 -3.67 21.36
N THR B 101 28.11 -2.70 21.18
CA THR B 101 28.50 -2.19 19.86
C THR B 101 29.05 -3.29 18.95
N GLN B 102 29.72 -4.31 19.53
CA GLN B 102 30.25 -5.46 18.79
C GLN B 102 29.10 -6.26 18.12
N GLN B 103 27.95 -6.38 18.80
CA GLN B 103 26.77 -7.06 18.29
C GLN B 103 26.11 -6.22 17.17
N LEU B 104 26.16 -4.87 17.30
CA LEU B 104 25.59 -3.98 16.26
C LEU B 104 26.39 -4.11 14.98
N LEU B 105 27.73 -4.23 15.08
CA LEU B 105 28.59 -4.39 13.90
C LEU B 105 28.41 -5.77 13.25
N GLU B 106 28.16 -6.84 14.06
CA GLU B 106 27.91 -8.20 13.55
C GLU B 106 26.64 -8.20 12.71
N MET B 107 25.63 -7.42 13.14
CA MET B 107 24.37 -7.27 12.40
C MET B 107 24.65 -6.67 11.04
N CYS B 108 25.50 -5.61 11.00
CA CYS B 108 25.93 -4.94 9.78
C CYS B 108 26.69 -5.92 8.89
N LYS B 109 27.53 -6.77 9.51
CA LYS B 109 28.32 -7.79 8.77
C LYS B 109 27.42 -8.83 8.12
N ASP B 110 26.45 -9.35 8.87
CA ASP B 110 25.46 -10.32 8.37
C ASP B 110 24.76 -9.77 7.11
N VAL B 111 24.20 -8.55 7.19
CA VAL B 111 23.52 -7.93 6.04
C VAL B 111 24.51 -7.67 4.90
N CYS B 112 25.69 -7.15 5.21
CA CYS B 112 26.68 -6.89 4.19
C CYS B 112 27.11 -8.14 3.40
N GLU B 113 27.24 -9.29 4.08
CA GLU B 113 27.61 -10.56 3.43
C GLU B 113 26.51 -10.99 2.46
N ALA B 114 25.23 -10.93 2.90
CA ALA B 114 24.07 -11.26 2.06
C ALA B 114 24.05 -10.35 0.83
N MET B 115 24.29 -9.05 1.04
CA MET B 115 24.26 -8.04 -0.02
CA MET B 115 24.24 -8.08 -0.04
C MET B 115 25.41 -8.19 -1.00
N GLU B 116 26.61 -8.56 -0.50
CA GLU B 116 27.75 -8.78 -1.37
C GLU B 116 27.44 -9.99 -2.29
N TYR B 117 26.81 -11.02 -1.73
CA TYR B 117 26.39 -12.19 -2.51
C TYR B 117 25.36 -11.79 -3.58
N LEU B 118 24.34 -10.99 -3.22
CA LEU B 118 23.32 -10.53 -4.19
C LEU B 118 23.95 -9.65 -5.29
N GLU B 119 24.88 -8.77 -4.89
CA GLU B 119 25.63 -7.92 -5.82
C GLU B 119 26.41 -8.80 -6.82
N SER B 120 27.04 -9.91 -6.32
CA SER B 120 27.83 -10.80 -7.17
C SER B 120 26.97 -11.50 -8.24
N LYS B 121 25.67 -11.64 -7.95
CA LYS B 121 24.67 -12.25 -8.82
C LYS B 121 23.88 -11.20 -9.60
N GLN B 122 24.31 -9.89 -9.51
CA GLN B 122 23.65 -8.74 -10.15
C GLN B 122 22.13 -8.77 -9.84
N PHE B 123 21.78 -9.07 -8.59
CA PHE B 123 20.39 -9.17 -8.18
C PHE B 123 20.12 -8.05 -7.19
N LEU B 124 19.13 -7.20 -7.48
CA LEU B 124 18.79 -6.07 -6.62
C LEU B 124 17.79 -6.46 -5.56
N HIS B 125 17.97 -5.96 -4.33
CA HIS B 125 17.01 -6.18 -3.28
C HIS B 125 15.79 -5.28 -3.58
N ARG B 126 16.02 -3.94 -3.70
CA ARG B 126 15.06 -2.88 -4.02
C ARG B 126 14.26 -2.33 -2.82
N ASP B 127 14.31 -3.02 -1.67
CA ASP B 127 13.66 -2.51 -0.48
C ASP B 127 14.44 -2.90 0.76
N LEU B 128 15.76 -2.62 0.75
CA LEU B 128 16.60 -2.93 1.89
C LEU B 128 16.38 -1.92 3.01
N ALA B 129 16.05 -2.43 4.22
CA ALA B 129 15.73 -1.62 5.40
C ALA B 129 15.67 -2.58 6.56
N ALA B 130 15.78 -2.08 7.82
CA ALA B 130 15.71 -2.98 8.99
C ALA B 130 14.39 -3.74 9.08
N ARG B 131 13.28 -3.11 8.65
CA ARG B 131 11.97 -3.75 8.62
C ARG B 131 11.94 -4.96 7.68
N ASN B 132 12.85 -5.02 6.69
CA ASN B 132 12.92 -6.12 5.72
C ASN B 132 14.09 -7.09 5.97
N CYS B 133 14.68 -7.04 7.17
CA CYS B 133 15.68 -8.02 7.58
C CYS B 133 14.99 -8.77 8.69
N LEU B 134 15.32 -10.07 8.83
CA LEU B 134 14.71 -10.90 9.86
C LEU B 134 15.78 -11.42 10.78
N VAL B 135 15.41 -11.82 12.01
CA VAL B 135 16.35 -12.28 13.03
C VAL B 135 15.95 -13.68 13.50
N ASN B 136 16.89 -14.64 13.54
CA ASN B 136 16.54 -16.01 13.97
C ASN B 136 16.70 -16.14 15.48
N ASP B 137 16.44 -17.35 16.02
CA ASP B 137 16.53 -17.67 17.45
C ASP B 137 17.94 -17.44 18.04
N GLN B 138 18.98 -17.39 17.20
CA GLN B 138 20.37 -17.19 17.62
C GLN B 138 20.81 -15.72 17.51
N GLY B 139 19.91 -14.83 17.11
CA GLY B 139 20.25 -13.41 16.93
C GLY B 139 20.97 -13.13 15.63
N VAL B 140 20.98 -14.09 14.70
CA VAL B 140 21.60 -13.89 13.38
C VAL B 140 20.59 -13.12 12.49
N VAL B 141 21.07 -12.07 11.83
CA VAL B 141 20.28 -11.24 10.92
C VAL B 141 20.41 -11.80 9.51
N LYS B 142 19.27 -11.89 8.79
CA LYS B 142 19.29 -12.36 7.42
C LYS B 142 18.41 -11.43 6.60
N VAL B 143 18.75 -11.21 5.34
CA VAL B 143 17.90 -10.31 4.57
C VAL B 143 16.78 -11.11 3.91
N SER B 144 15.58 -10.53 3.94
CA SER B 144 14.39 -11.18 3.38
C SER B 144 13.71 -10.33 2.34
N ASP B 145 12.88 -11.00 1.53
CA ASP B 145 12.00 -10.39 0.53
C ASP B 145 12.75 -9.57 -0.54
N PHE B 146 14.01 -9.99 -0.83
CA PHE B 146 14.90 -9.44 -1.86
C PHE B 146 14.25 -9.73 -3.21
N GLY B 147 14.17 -8.71 -4.05
CA GLY B 147 13.57 -8.81 -5.37
C GLY B 147 12.05 -8.90 -5.47
N LEU B 148 11.32 -8.96 -4.34
CA LEU B 148 9.85 -9.09 -4.38
C LEU B 148 9.16 -7.77 -4.65
N SER B 149 9.83 -6.64 -4.34
CA SER B 149 9.40 -5.26 -4.60
C SER B 149 8.88 -5.11 -6.03
N ARG B 150 9.58 -5.76 -7.00
CA ARG B 150 9.29 -5.80 -8.44
C ARG B 150 7.90 -6.33 -8.75
N TYR B 151 7.39 -7.25 -7.90
CA TYR B 151 6.12 -7.95 -8.13
C TYR B 151 4.91 -7.33 -7.41
N VAL B 152 5.10 -6.22 -6.67
CA VAL B 152 4.03 -5.57 -5.94
C VAL B 152 3.09 -4.87 -6.91
N LEU B 153 1.77 -5.13 -6.78
CA LEU B 153 0.71 -4.48 -7.56
C LEU B 153 0.00 -3.53 -6.58
N ASP B 154 0.55 -2.33 -6.44
CA ASP B 154 0.06 -1.28 -5.52
C ASP B 154 0.81 -0.03 -5.88
N ASP B 155 0.14 0.90 -6.57
CA ASP B 155 0.70 2.18 -7.04
C ASP B 155 1.25 3.05 -5.92
N GLU B 156 0.69 2.96 -4.70
CA GLU B 156 1.17 3.76 -3.58
C GLU B 156 2.55 3.29 -3.08
N TYR B 157 2.89 2.05 -3.40
CA TYR B 157 4.18 1.48 -3.04
C TYR B 157 5.20 1.57 -4.18
N THR B 158 4.79 1.26 -5.44
CA THR B 158 5.74 1.19 -6.56
C THR B 158 6.17 2.55 -7.12
N SER B 159 5.35 3.58 -6.96
CA SER B 159 5.68 4.91 -7.46
C SER B 159 6.59 5.58 -6.44
N SER B 160 7.69 6.20 -6.92
CA SER B 160 8.63 6.94 -6.06
C SER B 160 7.99 8.10 -5.30
N VAL B 161 6.79 8.53 -5.71
CA VAL B 161 6.08 9.59 -5.01
C VAL B 161 4.86 9.02 -4.25
N GLY B 162 4.72 7.69 -4.24
CA GLY B 162 3.60 7.01 -3.57
C GLY B 162 3.72 7.15 -2.06
N SER B 163 2.59 7.03 -1.34
CA SER B 163 2.55 7.15 0.13
C SER B 163 3.30 6.03 0.88
N LYS B 164 3.46 4.87 0.24
CA LYS B 164 4.09 3.69 0.85
C LYS B 164 5.50 3.45 0.34
N PHE B 165 5.96 4.27 -0.62
CA PHE B 165 7.30 4.09 -1.18
C PHE B 165 8.37 4.32 -0.09
N PRO B 166 9.46 3.51 -0.04
CA PRO B 166 10.49 3.74 1.00
C PRO B 166 11.40 4.94 0.69
N VAL B 167 10.84 6.17 0.75
CA VAL B 167 11.55 7.44 0.48
C VAL B 167 12.84 7.60 1.30
N ARG B 168 12.75 7.34 2.62
CA ARG B 168 13.87 7.54 3.56
C ARG B 168 15.05 6.58 3.35
N TRP B 169 14.92 5.56 2.49
CA TRP B 169 16.01 4.59 2.20
C TRP B 169 16.44 4.72 0.74
N SER B 170 15.97 5.78 0.06
CA SER B 170 16.24 5.92 -1.37
C SER B 170 17.22 7.02 -1.76
N PRO B 171 18.11 6.75 -2.74
CA PRO B 171 19.06 7.78 -3.19
C PRO B 171 18.38 8.80 -4.11
N PRO B 172 18.99 9.99 -4.39
CA PRO B 172 18.33 10.97 -5.28
C PRO B 172 17.97 10.45 -6.68
N GLU B 173 18.83 9.62 -7.32
CA GLU B 173 18.52 9.14 -8.67
C GLU B 173 17.31 8.18 -8.70
N VAL B 174 16.97 7.56 -7.56
CA VAL B 174 15.77 6.71 -7.46
C VAL B 174 14.58 7.66 -7.32
N LEU B 175 14.68 8.62 -6.39
CA LEU B 175 13.58 9.54 -6.15
C LEU B 175 13.22 10.45 -7.35
N MET B 176 14.23 10.86 -8.12
CA MET B 176 14.01 11.75 -9.25
C MET B 176 13.75 11.01 -10.55
N TYR B 177 14.49 9.90 -10.81
CA TYR B 177 14.40 9.19 -12.08
C TYR B 177 14.00 7.72 -12.02
N SER B 178 13.68 7.16 -10.83
CA SER B 178 13.36 5.71 -10.69
C SER B 178 14.50 4.84 -11.28
N LYS B 179 15.77 5.25 -11.06
CA LYS B 179 16.94 4.53 -11.56
C LYS B 179 17.54 3.66 -10.46
N PHE B 180 17.10 2.39 -10.40
CA PHE B 180 17.56 1.41 -9.44
C PHE B 180 18.81 0.75 -9.96
N SER B 181 19.76 0.46 -9.07
CA SER B 181 21.01 -0.23 -9.40
C SER B 181 21.58 -0.84 -8.12
N SER B 182 22.74 -1.48 -8.21
CA SER B 182 23.43 -2.01 -7.05
C SER B 182 23.73 -0.82 -6.11
N LYS B 183 23.98 0.37 -6.71
CA LYS B 183 24.30 1.60 -5.99
C LYS B 183 23.09 2.20 -5.22
N SER B 184 21.85 1.87 -5.62
CA SER B 184 20.68 2.32 -4.85
C SER B 184 20.51 1.41 -3.62
N ASP B 185 20.92 0.11 -3.72
CA ASP B 185 20.90 -0.81 -2.58
C ASP B 185 22.02 -0.41 -1.60
N ILE B 186 23.11 0.17 -2.10
CA ILE B 186 24.22 0.63 -1.22
C ILE B 186 23.75 1.81 -0.37
N TRP B 187 22.98 2.72 -0.96
CA TRP B 187 22.44 3.86 -0.23
C TRP B 187 21.54 3.32 0.89
N ALA B 188 20.59 2.41 0.57
CA ALA B 188 19.67 1.81 1.52
C ALA B 188 20.41 1.11 2.64
N PHE B 189 21.56 0.45 2.32
CA PHE B 189 22.40 -0.22 3.33
C PHE B 189 22.96 0.77 4.35
N GLY B 190 23.41 1.94 3.88
CA GLY B 190 23.91 2.99 4.77
C GLY B 190 22.83 3.43 5.74
N VAL B 191 21.58 3.59 5.23
CA VAL B 191 20.44 3.98 6.07
C VAL B 191 20.16 2.87 7.10
N LEU B 192 20.24 1.61 6.66
CA LEU B 192 20.04 0.45 7.54
C LEU B 192 21.14 0.43 8.62
N MET B 193 22.38 0.73 8.27
CA MET B 193 23.46 0.83 9.27
C MET B 193 23.09 1.90 10.30
N TRP B 194 22.50 3.02 9.84
CA TRP B 194 22.08 4.10 10.73
C TRP B 194 20.95 3.63 11.64
N GLU B 195 19.99 2.86 11.10
CA GLU B 195 18.89 2.32 11.92
C GLU B 195 19.47 1.42 13.01
N ILE B 196 20.44 0.58 12.67
CA ILE B 196 21.05 -0.34 13.62
C ILE B 196 21.74 0.44 14.75
N TYR B 197 22.60 1.40 14.39
CA TYR B 197 23.39 2.15 15.36
C TYR B 197 22.61 3.18 16.16
N SER B 198 21.39 3.52 15.77
CA SER B 198 20.53 4.44 16.51
C SER B 198 19.49 3.64 17.30
N LEU B 199 19.56 2.29 17.23
CA LEU B 199 18.62 1.35 17.87
C LEU B 199 17.17 1.50 17.37
N GLY B 200 17.04 1.61 16.05
CA GLY B 200 15.73 1.65 15.40
C GLY B 200 15.04 2.99 15.32
N LYS B 201 15.79 4.12 15.36
CA LYS B 201 15.15 5.44 15.21
C LYS B 201 14.63 5.57 13.78
N MET B 202 13.64 6.45 13.57
CA MET B 202 13.11 6.72 12.23
C MET B 202 14.06 7.70 11.55
N PRO B 203 14.53 7.41 10.31
CA PRO B 203 15.44 8.35 9.65
C PRO B 203 14.73 9.66 9.28
N TYR B 204 15.44 10.80 9.42
CA TYR B 204 14.93 12.15 9.08
C TYR B 204 13.68 12.48 9.87
N GLU B 205 13.68 12.14 11.16
CA GLU B 205 12.56 12.44 12.06
C GLU B 205 12.23 13.94 12.01
N ARG B 206 10.93 14.26 11.97
CA ARG B 206 10.35 15.59 11.88
C ARG B 206 10.46 16.21 10.48
N PHE B 207 10.83 15.40 9.47
CA PHE B 207 10.79 15.83 8.07
C PHE B 207 9.79 14.91 7.40
N THR B 208 8.95 15.45 6.52
CA THR B 208 7.99 14.61 5.78
C THR B 208 8.74 13.88 4.67
N ASN B 209 8.08 12.96 3.95
CA ASN B 209 8.70 12.24 2.82
C ASN B 209 9.09 13.23 1.75
N SER B 210 8.22 14.19 1.47
CA SER B 210 8.48 15.22 0.45
C SER B 210 9.63 16.12 0.83
N GLU B 211 9.71 16.54 2.10
CA GLU B 211 10.82 17.38 2.55
C GLU B 211 12.11 16.56 2.57
N THR B 212 12.04 15.26 2.93
CA THR B 212 13.22 14.37 2.90
C THR B 212 13.81 14.32 1.49
N ALA B 213 12.97 14.02 0.47
CA ALA B 213 13.35 13.91 -0.95
C ALA B 213 14.06 15.15 -1.44
N GLU B 214 13.54 16.34 -1.08
CA GLU B 214 14.12 17.63 -1.44
C GLU B 214 15.44 17.91 -0.69
N HIS B 215 15.46 17.68 0.63
CA HIS B 215 16.66 17.91 1.45
C HIS B 215 17.84 17.02 1.08
N ILE B 216 17.61 15.71 0.87
CA ILE B 216 18.72 14.83 0.49
C ILE B 216 19.29 15.19 -0.89
N ALA B 217 18.45 15.68 -1.85
CA ALA B 217 18.91 16.12 -3.18
C ALA B 217 19.88 17.31 -3.01
N GLN B 218 19.63 18.17 -2.01
CA GLN B 218 20.46 19.34 -1.68
C GLN B 218 21.73 18.97 -0.92
N GLY B 219 21.75 17.82 -0.26
CA GLY B 219 22.93 17.36 0.47
C GLY B 219 22.74 17.09 1.95
N LEU B 220 21.50 17.19 2.47
CA LEU B 220 21.26 16.86 3.88
C LEU B 220 21.50 15.36 4.08
N ARG B 221 22.11 14.99 5.21
CA ARG B 221 22.40 13.58 5.51
C ARG B 221 22.08 13.27 6.93
N LEU B 222 21.93 12.00 7.25
CA LEU B 222 21.62 11.58 8.62
C LEU B 222 22.77 11.90 9.57
N TYR B 223 22.43 12.21 10.84
CA TYR B 223 23.41 12.52 11.88
C TYR B 223 24.23 11.31 12.26
N ARG B 224 25.34 11.53 12.94
CA ARG B 224 26.12 10.41 13.48
C ARG B 224 25.23 9.78 14.56
N PRO B 225 24.90 8.48 14.43
CA PRO B 225 24.04 7.85 15.46
C PRO B 225 24.91 7.55 16.70
N HIS B 226 24.32 7.72 17.90
CA HIS B 226 24.97 7.70 19.23
C HIS B 226 25.89 6.49 19.52
N LEU B 227 25.68 5.34 18.90
CA LEU B 227 26.54 4.18 19.23
C LEU B 227 27.55 3.85 18.17
N ALA B 228 27.56 4.64 17.09
CA ALA B 228 28.50 4.43 16.00
C ALA B 228 29.78 5.15 16.29
N SER B 229 30.91 4.50 16.14
CA SER B 229 32.20 5.17 16.29
C SER B 229 32.36 6.07 15.03
N GLU B 230 33.38 6.92 15.05
CA GLU B 230 33.71 7.78 13.91
C GLU B 230 33.96 6.94 12.65
N LYS B 231 34.68 5.79 12.78
CA LYS B 231 34.96 4.86 11.68
C LYS B 231 33.66 4.27 11.12
N VAL B 232 32.73 3.85 12.00
CA VAL B 232 31.45 3.27 11.59
C VAL B 232 30.59 4.32 10.86
N TYR B 233 30.57 5.57 11.35
CA TYR B 233 29.83 6.64 10.68
C TYR B 233 30.42 6.92 9.29
N THR B 234 31.78 6.92 9.14
CA THR B 234 32.43 7.09 7.84
C THR B 234 31.93 6.00 6.85
N ILE B 235 31.81 4.74 7.31
CA ILE B 235 31.29 3.65 6.46
C ILE B 235 29.86 3.94 6.00
N MET B 236 28.94 4.20 6.94
CA MET B 236 27.58 4.46 6.51
C MET B 236 27.49 5.70 5.61
N TYR B 237 28.24 6.77 5.97
CA TYR B 237 28.26 8.03 5.22
C TYR B 237 28.73 7.84 3.78
N SER B 238 29.72 6.95 3.55
CA SER B 238 30.25 6.64 2.21
C SER B 238 29.13 6.09 1.28
N CYS B 239 28.08 5.48 1.86
CA CYS B 239 26.92 4.97 1.10
C CYS B 239 26.06 6.09 0.55
N TRP B 240 26.20 7.32 1.09
CA TRP B 240 25.29 8.39 0.69
C TRP B 240 25.89 9.43 -0.26
N HIS B 241 26.88 9.03 -1.07
CA HIS B 241 27.46 9.97 -2.05
C HIS B 241 26.38 10.38 -3.06
N GLU B 242 26.30 11.68 -3.37
CA GLU B 242 25.32 12.22 -4.34
C GLU B 242 25.41 11.45 -5.66
N LYS B 243 26.65 11.11 -6.08
CA LYS B 243 26.93 10.37 -7.32
C LYS B 243 26.96 8.87 -7.05
N ALA B 244 26.06 8.10 -7.72
CA ALA B 244 25.97 6.66 -7.56
C ALA B 244 27.30 5.93 -7.82
N ASP B 245 28.04 6.34 -8.87
CA ASP B 245 29.34 5.75 -9.24
C ASP B 245 30.45 5.97 -8.19
N GLU B 246 30.27 6.96 -7.29
CA GLU B 246 31.23 7.27 -6.24
C GLU B 246 30.92 6.53 -4.93
N ARG B 247 29.82 5.76 -4.89
CA ARG B 247 29.46 5.00 -3.69
C ARG B 247 30.25 3.69 -3.73
N PRO B 248 30.66 3.10 -2.56
CA PRO B 248 31.42 1.86 -2.64
C PRO B 248 30.57 0.69 -3.10
N THR B 249 31.20 -0.46 -3.33
CA THR B 249 30.48 -1.67 -3.68
C THR B 249 30.29 -2.41 -2.34
N PHE B 250 29.48 -3.48 -2.31
CA PHE B 250 29.30 -4.28 -1.10
C PHE B 250 30.58 -5.05 -0.74
N LYS B 251 31.44 -5.35 -1.73
CA LYS B 251 32.73 -6.01 -1.50
C LYS B 251 33.63 -5.10 -0.63
N ILE B 252 33.68 -3.80 -0.97
CA ILE B 252 34.45 -2.76 -0.24
C ILE B 252 33.86 -2.52 1.14
N LEU B 253 32.53 -2.38 1.24
CA LEU B 253 31.85 -2.18 2.53
C LEU B 253 32.16 -3.32 3.49
N LEU B 254 32.12 -4.59 3.00
CA LEU B 254 32.43 -5.76 3.84
C LEU B 254 33.86 -5.67 4.33
N SER B 255 34.78 -5.36 3.42
CA SER B 255 36.20 -5.22 3.78
C SER B 255 36.41 -4.13 4.86
N ASN B 256 35.71 -2.98 4.72
CA ASN B 256 35.72 -1.87 5.69
C ASN B 256 35.13 -2.28 7.04
N ILE B 257 34.05 -3.08 7.02
CA ILE B 257 33.40 -3.56 8.23
C ILE B 257 34.34 -4.55 8.96
N LEU B 258 35.01 -5.42 8.19
CA LEU B 258 35.97 -6.38 8.78
C LEU B 258 37.16 -5.62 9.38
N ASP B 259 37.60 -4.51 8.74
CA ASP B 259 38.69 -3.69 9.27
C ASP B 259 38.35 -3.05 10.60
N VAL B 260 37.11 -2.52 10.74
CA VAL B 260 36.64 -1.89 11.98
C VAL B 260 36.55 -2.93 13.10
N MET B 261 36.05 -4.12 12.77
CA MET B 261 35.89 -5.27 13.66
C MET B 261 37.25 -5.68 14.29
N ASP B 262 38.29 -5.77 13.44
CA ASP B 262 39.66 -6.09 13.86
C ASP B 262 40.31 -4.97 14.70
N GLU B 263 39.83 -3.71 14.57
CA GLU B 263 40.36 -2.56 15.32
C GLU B 263 39.62 -2.28 16.64
C16 2P5 C . -6.17 2.62 5.27
C17 2P5 C . -7.34 2.26 5.92
C20 2P5 C . -7.60 8.80 2.08
C24 2P5 C . -8.49 6.95 0.79
C8 2P5 C . -9.84 -4.11 8.06
C10 2P5 C . -8.24 -2.84 6.75
C21 2P5 C . -7.92 9.68 1.04
C23 2P5 C . -8.82 7.85 -0.23
C15 2P5 C . -6.21 3.57 4.21
C7 2P5 C . -10.66 -2.97 8.19
C11 2P5 C . -9.06 -1.69 6.84
C5 2P5 C . -13.71 2.68 8.38
C12 2P5 C . -8.60 2.83 5.53
C9 2P5 C . -8.65 -4.04 7.36
C19 2P5 C . -7.89 7.42 1.96
C22 2P5 C . -8.55 9.23 -0.13
C13 2P5 C . -8.66 3.78 4.47
C3 2P5 C . -11.98 1.59 7.68
C6 2P5 C . -10.29 -1.77 7.58
C14 2P5 C . -7.44 4.15 3.84
C2 2P5 C . -11.77 2.93 7.31
C4 2P5 C . -10.97 0.65 7.29
C1 2P5 C . -9.79 2.42 6.29
C25 2P5 C . -7.80 -5.28 7.17
C18 2P5 C . -7.64 6.52 3.13
C27 2P5 C . -7.41 -7.61 6.24
C30 2P5 C . -9.47 -6.41 5.56
C28 2P5 C . -8.26 -8.84 6.40
C29 2P5 C . -10.21 -7.71 5.76
C26 2P5 C . -9.98 4.34 3.95
C32 2P5 C . -7.72 10.38 -2.22
C33 2P5 C . -9.26 11.63 -0.74
C34 2P5 C . -10.12 9.82 -2.08
C31 2P5 C . -8.91 10.24 -1.26
N4 2P5 C . -13.18 1.44 8.35
N2 2P5 C . -10.66 3.40 6.64
N1 2P5 C . -9.88 1.05 6.59
N3 2P5 C . -12.87 3.63 7.75
N7 2P5 C . -8.24 -6.40 6.39
N5 2P5 C . -11.13 -0.62 7.73
N6 2P5 C . -7.55 5.18 2.84
O2 2P5 C . -6.70 -5.28 7.70
O1 2P5 C . -7.52 6.95 4.29
O3 2P5 C . -9.36 -8.84 5.50
C16 2P5 D . 4.42 -10.66 8.60
C17 2P5 D . 5.39 -11.64 8.93
C20 2P5 D . 5.90 -8.73 1.99
C24 2P5 D . 7.41 -7.63 3.59
C8 2P5 D . 8.02 -14.02 15.14
C10 2P5 D . 6.76 -12.27 13.95
C21 2P5 D . 6.42 -7.93 0.97
C23 2P5 D . 7.92 -6.84 2.56
C15 2P5 D . 4.64 -9.78 7.52
C7 2P5 D . 8.60 -14.46 13.96
C11 2P5 D . 7.34 -12.71 12.74
C5 2P5 D . 10.57 -16.03 8.06
C12 2P5 D . 6.59 -11.74 8.18
C9 2P5 D . 7.12 -12.93 15.16
C19 2P5 D . 6.40 -8.59 3.29
C22 2P5 D . 7.45 -6.97 1.23
C13 2P5 D . 6.85 -10.85 7.10
C3 2P5 D . 9.33 -14.72 9.27
C6 2P5 D . 8.28 -13.82 12.76
C14 2P5 D . 5.82 -9.89 6.78
C2 2P5 D . 9.05 -14.41 7.93
C4 2P5 D . 8.64 -13.97 10.27
C1 2P5 D . 7.58 -12.80 8.55
C25 2P5 D . 6.57 -12.47 16.48
C18 2P5 D . 5.92 -9.54 4.33
C27 2P5 D . 8.91 -12.20 17.47
C30 2P5 D . 6.85 -11.85 18.89
C28 2P5 D . 9.55 -11.15 18.33
C29 2P5 D . 7.66 -10.83 19.63
C26 2P5 D . 8.19 -10.82 6.35
C32 2P5 D . 7.17 -4.85 -0.01
C33 2P5 D . 7.96 -6.84 -1.26
C34 2P5 D . 9.46 -5.68 0.31
C31 2P5 D . 8.01 -6.12 0.08
N4 2P5 D . 10.27 -15.75 9.36
N2 2P5 D . 8.15 -13.46 7.52
N1 2P5 D . 7.78 -12.98 9.92
N3 2P5 D . 9.85 -15.24 7.17
N7 2P5 D . 7.44 -12.13 17.57
N5 2P5 D . 8.84 -14.35 11.55
N6 2P5 D . 6.09 -9.12 5.63
O2 2P5 D . 5.36 -12.46 16.63
O1 2P5 D . 5.40 -10.62 4.07
O3 2P5 D . 9.04 -11.19 19.66
#